data_7F9X
#
_entry.id   7F9X
#
_cell.length_a   77.150
_cell.length_b   94.120
_cell.length_c   83.790
_cell.angle_alpha   90.000
_cell.angle_beta   90.000
_cell.angle_gamma   90.000
#
_symmetry.space_group_name_H-M   'C 2 2 2'
#
loop_
_entity.id
_entity.type
_entity.pdbx_description
1 polymer LotA
2 water water
#
_entity_poly.entity_id   1
_entity_poly.type   'polypeptide(L)'
_entity_poly.pdbx_seq_one_letter_code
;TIDNPGLGNCAFYAFAIGLVNIIQEEAKYNRRT(MSE)FDRWVGLDRSISGQYDEILKLNLEDPDKELLDRLQSSLRIVT
YQYQIRELRNVCVFRNGNYNRLTGNSNFVNFAALYYGDPLDTDSRFNPFADSVPILIK(MSE)ANIDRDSVHPGHENDVL
VPLFLDLLYGDTTNPADITLETEPKSDSPIITA(MSE)NNITQDFFWGTHLDLNYLAEAFEVNLHVLRNNSPIQEFVDIP
ERHTLTLTNSNNTHWTTQITTAR
;
_entity_poly.pdbx_strand_id   A
#
# COMPACT_ATOMS: atom_id res chain seq x y z
N ASP A 3 -25.47 5.98 -9.38
CA ASP A 3 -24.30 5.12 -9.50
C ASP A 3 -24.65 3.65 -9.22
N ASN A 4 -23.65 2.77 -9.28
CA ASN A 4 -23.84 1.38 -8.91
C ASN A 4 -22.56 0.85 -8.25
N PRO A 5 -22.67 0.34 -7.01
CA PRO A 5 -21.47 -0.16 -6.33
C PRO A 5 -20.87 -1.41 -6.95
N GLY A 6 -21.57 -2.06 -7.88
CA GLY A 6 -21.05 -3.27 -8.50
C GLY A 6 -19.78 -3.07 -9.31
N LEU A 7 -19.49 -1.82 -9.71
CA LEU A 7 -18.32 -1.55 -10.54
C LEU A 7 -17.00 -1.72 -9.78
N GLY A 8 -17.03 -1.76 -8.45
CA GLY A 8 -15.83 -1.90 -7.66
C GLY A 8 -15.31 -0.57 -7.16
N ASN A 9 -14.45 -0.63 -6.15
CA ASN A 9 -13.94 0.58 -5.52
C ASN A 9 -12.62 0.21 -4.89
N CYS A 10 -11.54 0.87 -5.27
CA CYS A 10 -10.26 0.31 -4.87
C CYS A 10 -9.83 0.90 -3.52
N ALA A 11 -8.81 0.27 -2.94
CA ALA A 11 -8.33 0.62 -1.61
C ALA A 11 -7.94 2.09 -1.49
N PHE A 12 -7.24 2.63 -2.50
CA PHE A 12 -6.69 3.99 -2.37
C PHE A 12 -7.80 5.02 -2.36
N TYR A 13 -8.83 4.78 -3.18
CA TYR A 13 -10.02 5.63 -3.18
C TYR A 13 -10.69 5.62 -1.81
N ALA A 14 -10.89 4.41 -1.26
CA ALA A 14 -11.59 4.31 0.02
C ALA A 14 -10.84 5.07 1.10
N PHE A 15 -9.51 4.90 1.16
CA PHE A 15 -8.71 5.59 2.17
C PHE A 15 -8.74 7.11 1.96
N ALA A 16 -8.65 7.56 0.69
CA ALA A 16 -8.75 8.98 0.38
C ALA A 16 -10.05 9.58 0.93
N ILE A 17 -11.18 8.90 0.70
CA ILE A 17 -12.46 9.39 1.19
C ILE A 17 -12.42 9.52 2.71
N GLY A 18 -11.83 8.52 3.38
CA GLY A 18 -11.69 8.60 4.84
C GLY A 18 -10.90 9.81 5.28
N LEU A 19 -9.78 10.09 4.59
CA LEU A 19 -8.97 11.27 4.94
C LEU A 19 -9.73 12.56 4.71
N VAL A 20 -10.46 12.68 3.59
CA VAL A 20 -11.22 13.90 3.32
C VAL A 20 -12.24 14.13 4.43
N ASN A 21 -12.90 13.07 4.88
CA ASN A 21 -13.86 13.20 5.98
C ASN A 21 -13.18 13.77 7.23
N ILE A 22 -12.02 13.22 7.59
CA ILE A 22 -11.27 13.71 8.74
C ILE A 22 -10.92 15.19 8.55
N ILE A 23 -10.43 15.55 7.36
CA ILE A 23 -9.99 16.91 7.11
C ILE A 23 -11.16 17.87 7.20
N GLN A 24 -12.32 17.49 6.65
CA GLN A 24 -13.50 18.35 6.69
C GLN A 24 -14.02 18.51 8.12
N GLU A 25 -14.02 17.42 8.90
CA GLU A 25 -14.42 17.51 10.31
C GLU A 25 -13.44 18.36 11.11
N GLU A 26 -12.14 18.17 10.89
CA GLU A 26 -11.15 18.98 11.60
C GLU A 26 -11.35 20.47 11.32
N ALA A 27 -11.76 20.82 10.09
CA ALA A 27 -11.95 22.22 9.75
C ALA A 27 -13.00 22.86 10.65
N LYS A 28 -14.05 22.11 11.00
CA LYS A 28 -15.13 22.60 11.85
C LYS A 28 -14.64 22.99 13.23
N TYR A 29 -13.51 22.41 13.66
CA TYR A 29 -12.86 22.72 14.92
C TYR A 29 -11.67 23.65 14.75
N ASN A 30 -11.60 24.36 13.63
CA ASN A 30 -10.49 25.27 13.33
C ASN A 30 -9.13 24.56 13.31
N ARG A 31 -9.09 23.38 12.70
CA ARG A 31 -7.85 22.62 12.63
C ARG A 31 -7.59 22.17 11.21
N ARG A 32 -6.32 22.22 10.78
CA ARG A 32 -5.90 21.60 9.52
C ARG A 32 -4.73 20.65 9.77
N THR A 33 -4.76 19.99 10.94
CA THR A 33 -3.65 19.13 11.35
C THR A 33 -3.42 17.98 10.38
N PHE A 35 -4.44 17.70 7.21
CA PHE A 35 -3.98 18.20 5.92
C PHE A 35 -2.53 18.61 5.97
N ASP A 36 -2.12 19.28 7.04
CA ASP A 36 -0.72 19.66 7.19
C ASP A 36 0.18 18.43 7.22
N ARG A 37 -0.27 17.35 7.87
CA ARG A 37 0.48 16.10 7.80
C ARG A 37 0.60 15.61 6.36
N TRP A 38 -0.50 15.65 5.62
CA TRP A 38 -0.45 15.29 4.20
C TRP A 38 0.60 16.12 3.46
N VAL A 39 0.60 17.45 3.67
CA VAL A 39 1.58 18.31 3.00
C VAL A 39 2.99 17.89 3.39
N GLY A 40 3.19 17.52 4.67
CA GLY A 40 4.48 17.02 5.11
C GLY A 40 4.88 15.75 4.39
N LEU A 41 3.90 14.94 3.96
CA LEU A 41 4.24 13.73 3.25
C LEU A 41 4.35 13.95 1.76
N ASP A 42 3.62 14.92 1.22
CA ASP A 42 3.62 15.18 -0.22
C ASP A 42 3.31 16.67 -0.39
N ARG A 43 4.37 17.50 -0.46
CA ARG A 43 4.19 18.95 -0.59
C ARG A 43 3.32 19.32 -1.77
N SER A 44 3.28 18.46 -2.80
CA SER A 44 2.57 18.80 -4.01
C SER A 44 1.06 18.92 -3.81
N ILE A 45 0.49 18.37 -2.73
CA ILE A 45 -0.97 18.51 -2.58
C ILE A 45 -1.37 19.80 -1.88
N SER A 46 -0.41 20.61 -1.43
CA SER A 46 -0.77 21.72 -0.54
C SER A 46 -1.78 22.69 -1.16
N GLY A 47 -1.74 22.90 -2.48
CA GLY A 47 -2.72 23.88 -2.97
C GLY A 47 -4.16 23.38 -3.04
N GLN A 48 -4.42 22.12 -2.69
CA GLN A 48 -5.73 21.49 -2.84
C GLN A 48 -6.67 21.69 -1.63
N TYR A 49 -6.26 22.42 -0.61
CA TYR A 49 -7.00 22.44 0.67
C TYR A 49 -8.44 22.90 0.49
N ASP A 50 -8.65 24.02 -0.21
CA ASP A 50 -10.01 24.56 -0.35
C ASP A 50 -10.89 23.63 -1.17
N GLU A 51 -10.34 23.01 -2.20
CA GLU A 51 -11.09 22.01 -2.98
C GLU A 51 -11.50 20.84 -2.12
N ILE A 52 -10.61 20.41 -1.23
CA ILE A 52 -10.93 19.28 -0.35
C ILE A 52 -12.07 19.65 0.59
N LEU A 53 -12.02 20.87 1.14
CA LEU A 53 -13.13 21.31 1.99
C LEU A 53 -14.43 21.42 1.22
N LYS A 54 -14.37 21.69 -0.08
CA LYS A 54 -15.60 21.79 -0.87
C LYS A 54 -16.11 20.44 -1.34
N LEU A 55 -15.32 19.38 -1.19
CA LEU A 55 -15.72 18.08 -1.73
C LEU A 55 -17.02 17.61 -1.09
N ASN A 56 -17.96 17.13 -1.91
CA ASN A 56 -19.24 16.58 -1.42
C ASN A 56 -19.06 15.07 -1.37
N LEU A 57 -18.87 14.53 -0.17
CA LEU A 57 -18.56 13.11 -0.08
C LEU A 57 -19.75 12.22 -0.43
N GLU A 58 -20.96 12.78 -0.48
CA GLU A 58 -22.07 11.99 -0.99
C GLU A 58 -22.05 11.86 -2.50
N ASP A 59 -21.22 12.66 -3.19
CA ASP A 59 -21.10 12.67 -4.64
C ASP A 59 -19.73 13.21 -5.02
N PRO A 60 -18.65 12.50 -4.68
CA PRO A 60 -17.31 13.12 -4.78
C PRO A 60 -16.89 13.38 -6.21
N ASP A 61 -16.31 14.55 -6.43
CA ASP A 61 -15.69 14.88 -7.72
C ASP A 61 -14.58 13.88 -8.04
N LYS A 62 -14.75 13.13 -9.13
CA LYS A 62 -13.81 12.08 -9.46
C LYS A 62 -12.42 12.63 -9.80
N GLU A 63 -12.38 13.78 -10.49
CA GLU A 63 -11.09 14.36 -10.83
C GLU A 63 -10.25 14.65 -9.59
N LEU A 64 -10.85 15.29 -8.58
CA LEU A 64 -10.08 15.57 -7.36
C LEU A 64 -9.75 14.28 -6.63
N LEU A 65 -10.70 13.33 -6.57
CA LEU A 65 -10.41 12.05 -5.91
C LEU A 65 -9.28 11.31 -6.60
N ASP A 66 -9.22 11.37 -7.94
CA ASP A 66 -8.10 10.77 -8.64
C ASP A 66 -6.79 11.42 -8.21
N ARG A 67 -6.78 12.75 -8.10
CA ARG A 67 -5.57 13.44 -7.67
C ARG A 67 -5.15 13.03 -6.27
N LEU A 68 -6.12 12.91 -5.35
CA LEU A 68 -5.80 12.57 -3.98
C LEU A 68 -5.24 11.15 -3.89
N GLN A 69 -5.84 10.22 -4.62
CA GLN A 69 -5.36 8.85 -4.49
C GLN A 69 -4.02 8.68 -5.19
N SER A 70 -3.74 9.49 -6.21
CA SER A 70 -2.40 9.50 -6.78
C SER A 70 -1.37 9.90 -5.74
N SER A 71 -1.68 10.92 -4.95
CA SER A 71 -0.76 11.29 -3.87
C SER A 71 -0.58 10.13 -2.90
N LEU A 72 -1.68 9.45 -2.54
CA LEU A 72 -1.53 8.34 -1.60
C LEU A 72 -0.65 7.24 -2.19
N ARG A 73 -0.78 6.97 -3.49
CA ARG A 73 0.06 5.94 -4.09
C ARG A 73 1.54 6.32 -4.00
N ILE A 74 1.85 7.59 -4.25
CA ILE A 74 3.24 8.03 -4.15
C ILE A 74 3.73 7.90 -2.71
N VAL A 75 2.89 8.30 -1.75
CA VAL A 75 3.30 8.22 -0.36
C VAL A 75 3.55 6.76 0.04
N THR A 76 2.63 5.85 -0.29
CA THR A 76 2.85 4.48 0.18
C THR A 76 4.04 3.86 -0.54
N TYR A 77 4.26 4.23 -1.80
CA TYR A 77 5.42 3.73 -2.53
C TYR A 77 6.71 4.15 -1.83
N GLN A 78 6.80 5.43 -1.43
CA GLN A 78 8.03 5.92 -0.83
C GLN A 78 8.27 5.27 0.53
N TYR A 79 7.22 5.11 1.32
CA TYR A 79 7.33 4.39 2.58
C TYR A 79 7.71 2.92 2.36
N GLN A 80 7.13 2.26 1.35
CA GLN A 80 7.47 0.86 1.12
C GLN A 80 8.92 0.72 0.64
N ILE A 81 9.39 1.67 -0.17
CA ILE A 81 10.81 1.69 -0.55
C ILE A 81 11.70 1.83 0.67
N ARG A 82 11.40 2.81 1.53
CA ARG A 82 12.23 3.05 2.71
C ARG A 82 12.22 1.84 3.65
N GLU A 83 11.06 1.20 3.81
CA GLU A 83 10.99 0.03 4.67
C GLU A 83 11.79 -1.13 4.10
N LEU A 84 11.72 -1.33 2.78
CA LEU A 84 12.50 -2.41 2.18
C LEU A 84 13.99 -2.15 2.30
N ARG A 85 14.41 -0.89 2.15
CA ARG A 85 15.83 -0.60 2.31
C ARG A 85 16.26 -0.83 3.75
N ASN A 86 15.46 -0.41 4.72
CA ASN A 86 15.81 -0.61 6.12
C ASN A 86 15.92 -2.09 6.46
N VAL A 87 14.99 -2.91 5.96
CA VAL A 87 15.05 -4.34 6.23
C VAL A 87 16.14 -5.03 5.41
N CYS A 88 16.56 -4.44 4.29
CA CYS A 88 17.64 -5.00 3.50
C CYS A 88 19.00 -4.48 3.94
N VAL A 89 19.07 -3.27 4.49
CA VAL A 89 20.35 -2.75 4.96
C VAL A 89 20.72 -3.37 6.29
N PHE A 90 19.78 -3.36 7.25
CA PHE A 90 20.04 -3.88 8.59
C PHE A 90 19.54 -5.32 8.71
N ARG A 91 20.29 -6.23 8.12
CA ARG A 91 20.09 -7.65 8.39
C ARG A 91 20.85 -8.00 9.67
N ASN A 92 20.15 -8.69 10.56
CA ASN A 92 20.48 -8.82 11.97
C ASN A 92 21.18 -10.15 12.29
N GLY A 93 21.83 -10.76 11.30
CA GLY A 93 22.19 -12.15 11.38
C GLY A 93 21.02 -13.11 11.16
N ASN A 94 19.84 -12.58 10.81
CA ASN A 94 18.65 -13.34 10.46
C ASN A 94 17.99 -12.64 9.28
N TYR A 95 17.58 -13.41 8.27
CA TYR A 95 17.11 -12.86 6.99
C TYR A 95 15.62 -12.80 6.88
N ASN A 96 14.93 -12.89 7.98
CA ASN A 96 13.56 -13.29 7.89
C ASN A 96 12.56 -12.16 8.09
N ARG A 97 13.01 -10.95 8.50
CA ARG A 97 12.14 -9.79 8.35
C ARG A 97 12.05 -9.35 6.91
N LEU A 98 13.10 -9.57 6.13
CA LEU A 98 12.94 -9.56 4.69
C LEU A 98 11.86 -10.56 4.28
N THR A 99 11.92 -11.78 4.83
CA THR A 99 10.98 -12.81 4.37
C THR A 99 9.57 -12.55 4.86
N GLY A 100 9.39 -11.72 5.89
CA GLY A 100 8.06 -11.30 6.22
C GLY A 100 7.63 -9.95 5.65
N ASN A 101 8.53 -9.25 4.98
CA ASN A 101 8.19 -7.98 4.35
C ASN A 101 7.16 -8.18 3.25
N SER A 102 6.18 -7.27 3.17
CA SER A 102 5.05 -7.49 2.27
C SER A 102 5.49 -7.47 0.80
N ASN A 103 6.53 -6.69 0.48
CA ASN A 103 6.97 -6.66 -0.91
C ASN A 103 7.78 -7.89 -1.27
N PHE A 104 8.60 -8.39 -0.36
CA PHE A 104 9.26 -9.67 -0.61
C PHE A 104 8.25 -10.80 -0.80
N VAL A 105 7.20 -10.80 0.03
CA VAL A 105 6.17 -11.83 -0.11
C VAL A 105 5.51 -11.72 -1.48
N ASN A 106 5.16 -10.49 -1.90
CA ASN A 106 4.59 -10.28 -3.23
C ASN A 106 5.53 -10.79 -4.33
N PHE A 107 6.82 -10.49 -4.21
CA PHE A 107 7.79 -10.93 -5.20
C PHE A 107 7.87 -12.46 -5.22
N ALA A 108 7.87 -13.08 -4.04
CA ALA A 108 7.97 -14.53 -3.95
C ALA A 108 6.76 -15.25 -4.54
N ALA A 109 5.61 -14.56 -4.64
CA ALA A 109 4.43 -15.19 -5.22
C ALA A 109 4.62 -15.50 -6.69
N LEU A 110 5.50 -14.76 -7.37
CA LEU A 110 5.80 -15.07 -8.77
C LEU A 110 6.48 -16.42 -8.92
N TYR A 111 7.03 -16.98 -7.83
CA TYR A 111 7.66 -18.29 -7.90
C TYR A 111 6.62 -19.38 -8.01
N TYR A 112 5.56 -19.28 -7.21
CA TYR A 112 4.48 -20.26 -7.21
C TYR A 112 3.50 -20.07 -8.37
N GLY A 113 3.27 -18.83 -8.80
CA GLY A 113 2.41 -18.60 -9.94
C GLY A 113 0.92 -18.76 -9.70
N ASP A 114 0.47 -18.68 -8.45
CA ASP A 114 -0.96 -18.72 -8.15
C ASP A 114 -1.64 -17.46 -8.66
N PRO A 115 -2.66 -17.56 -9.53
CA PRO A 115 -3.34 -16.35 -10.02
C PRO A 115 -3.92 -15.48 -8.91
N LEU A 116 -4.35 -16.08 -7.79
CA LEU A 116 -4.89 -15.30 -6.68
C LEU A 116 -3.89 -14.26 -6.18
N ASP A 117 -2.61 -14.63 -6.09
CA ASP A 117 -1.57 -13.79 -5.50
C ASP A 117 -0.69 -13.11 -6.54
N THR A 118 -0.97 -13.29 -7.82
CA THR A 118 -0.21 -12.67 -8.90
C THR A 118 -1.12 -11.82 -9.78
N ASP A 119 -2.18 -11.28 -9.19
CA ASP A 119 -3.09 -10.38 -9.89
C ASP A 119 -2.46 -8.99 -9.96
N SER A 120 -2.31 -8.46 -11.18
CA SER A 120 -1.65 -7.17 -11.39
C SER A 120 -2.36 -6.00 -10.69
N ARG A 121 -3.64 -6.17 -10.31
CA ARG A 121 -4.31 -5.12 -9.55
C ARG A 121 -3.80 -5.03 -8.12
N PHE A 122 -3.26 -6.13 -7.58
CA PHE A 122 -2.92 -6.21 -6.16
C PHE A 122 -1.44 -6.51 -5.88
N ASN A 123 -0.71 -7.07 -6.84
CA ASN A 123 0.71 -7.41 -6.68
C ASN A 123 1.51 -6.65 -7.72
N PRO A 124 2.34 -5.67 -7.32
CA PRO A 124 3.05 -4.87 -8.33
C PRO A 124 4.13 -5.64 -9.07
N PHE A 125 4.56 -6.80 -8.56
CA PHE A 125 5.54 -7.59 -9.27
C PHE A 125 4.92 -8.45 -10.37
N ALA A 126 3.59 -8.54 -10.43
CA ALA A 126 2.95 -9.44 -11.38
C ALA A 126 3.30 -9.05 -12.81
N ASP A 127 3.63 -10.05 -13.62
CA ASP A 127 3.93 -9.91 -15.05
C ASP A 127 5.25 -9.19 -15.31
N SER A 128 6.09 -9.00 -14.29
CA SER A 128 7.41 -8.41 -14.53
C SER A 128 8.22 -9.34 -15.43
N VAL A 129 8.51 -8.88 -16.66
CA VAL A 129 9.30 -9.70 -17.58
C VAL A 129 10.66 -10.04 -17.00
N PRO A 130 11.46 -9.08 -16.51
CA PRO A 130 12.79 -9.46 -16.00
C PRO A 130 12.72 -10.45 -14.86
N ILE A 131 11.72 -10.32 -13.98
CA ILE A 131 11.61 -11.25 -12.86
C ILE A 131 11.09 -12.60 -13.33
N LEU A 132 10.15 -12.61 -14.27
CA LEU A 132 9.69 -13.89 -14.81
C LEU A 132 10.81 -14.65 -15.48
N ILE A 133 11.75 -13.94 -16.10
CA ILE A 133 12.89 -14.58 -16.73
C ILE A 133 13.80 -15.22 -15.68
N LYS A 134 14.06 -14.51 -14.58
CA LYS A 134 14.91 -15.07 -13.53
C LYS A 134 14.23 -16.26 -12.85
N ALA A 136 12.11 -18.29 -14.21
CA ALA A 136 12.04 -19.41 -15.15
C ALA A 136 13.35 -20.18 -15.24
N ASN A 137 14.48 -19.55 -14.91
CA ASN A 137 15.78 -20.19 -14.92
C ASN A 137 16.17 -20.76 -13.56
N ILE A 138 15.21 -20.94 -12.66
CA ILE A 138 15.40 -21.66 -11.41
C ILE A 138 15.07 -23.13 -11.67
N ASP A 139 15.89 -24.03 -11.15
CA ASP A 139 15.63 -25.46 -11.27
C ASP A 139 14.73 -25.87 -10.11
N ARG A 140 13.41 -25.86 -10.37
CA ARG A 140 12.44 -26.09 -9.31
C ARG A 140 12.54 -27.48 -8.72
N ASP A 141 13.12 -28.44 -9.44
CA ASP A 141 13.36 -29.77 -8.88
C ASP A 141 14.58 -29.81 -7.97
N SER A 142 15.52 -28.89 -8.15
CA SER A 142 16.62 -28.75 -7.21
C SER A 142 16.16 -28.20 -5.87
N VAL A 143 14.99 -27.57 -5.81
CA VAL A 143 14.54 -26.83 -4.64
C VAL A 143 13.75 -27.78 -3.74
N HIS A 144 14.31 -28.08 -2.56
CA HIS A 144 13.58 -28.92 -1.61
C HIS A 144 12.40 -28.14 -1.04
N PRO A 145 11.26 -28.80 -0.81
CA PRO A 145 10.08 -28.09 -0.30
C PRO A 145 10.38 -27.41 1.03
N GLY A 146 9.95 -26.14 1.13
CA GLY A 146 10.28 -25.32 2.27
C GLY A 146 11.64 -24.66 2.22
N HIS A 147 12.42 -24.87 1.16
CA HIS A 147 13.71 -24.22 0.98
C HIS A 147 13.68 -23.19 -0.13
N GLU A 148 12.49 -22.76 -0.55
CA GLU A 148 12.36 -21.82 -1.66
C GLU A 148 13.12 -20.53 -1.39
N ASN A 149 13.05 -20.03 -0.16
CA ASN A 149 13.67 -18.74 0.15
C ASN A 149 15.20 -18.78 0.06
N ASP A 150 15.80 -19.97 0.22
CA ASP A 150 17.24 -20.09 -0.05
C ASP A 150 17.59 -19.69 -1.46
N VAL A 151 16.64 -19.76 -2.38
CA VAL A 151 16.80 -19.23 -3.72
C VAL A 151 16.18 -17.84 -3.85
N LEU A 152 15.02 -17.62 -3.22
CA LEU A 152 14.30 -16.39 -3.46
C LEU A 152 14.98 -15.19 -2.81
N VAL A 153 15.51 -15.37 -1.60
CA VAL A 153 16.15 -14.26 -0.88
C VAL A 153 17.41 -13.80 -1.62
N PRO A 154 18.32 -14.69 -2.02
CA PRO A 154 19.46 -14.22 -2.83
C PRO A 154 19.05 -13.59 -4.16
N LEU A 155 18.07 -14.18 -4.85
CA LEU A 155 17.60 -13.59 -6.11
C LEU A 155 17.06 -12.19 -5.89
N PHE A 156 16.22 -12.03 -4.86
CA PHE A 156 15.62 -10.74 -4.55
C PHE A 156 16.71 -9.71 -4.24
N LEU A 157 17.65 -10.07 -3.37
CA LEU A 157 18.72 -9.15 -3.01
C LEU A 157 19.58 -8.82 -4.23
N ASP A 158 19.89 -9.82 -5.05
CA ASP A 158 20.67 -9.56 -6.27
C ASP A 158 19.90 -8.64 -7.21
N LEU A 159 18.59 -8.84 -7.34
CA LEU A 159 17.80 -7.99 -8.23
C LEU A 159 17.65 -6.59 -7.68
N LEU A 160 17.70 -6.45 -6.36
CA LEU A 160 17.59 -5.18 -5.67
C LEU A 160 18.94 -4.50 -5.51
N TYR A 161 19.99 -5.30 -5.27
CA TYR A 161 21.31 -4.83 -4.86
C TYR A 161 21.26 -4.15 -3.49
N GLY A 162 20.52 -4.77 -2.57
CA GLY A 162 20.45 -4.30 -1.20
C GLY A 162 21.75 -4.51 -0.45
N ASP A 163 21.77 -4.04 0.80
CA ASP A 163 23.00 -4.03 1.58
C ASP A 163 23.26 -5.40 2.22
N THR A 164 24.55 -5.65 2.48
CA THR A 164 25.02 -6.92 3.03
C THR A 164 24.42 -7.23 4.40
N LEU A 172 26.47 -3.52 -0.24
CA LEU A 172 26.60 -2.65 -1.41
C LEU A 172 26.57 -1.18 -0.97
N GLU A 173 25.37 -0.67 -0.71
CA GLU A 173 25.06 0.73 -0.40
C GLU A 173 23.60 0.76 0.06
N THR A 174 23.25 1.80 0.82
CA THR A 174 21.84 2.07 1.10
C THR A 174 21.07 2.38 -0.18
N GLU A 175 21.76 2.49 -1.32
CA GLU A 175 21.13 2.75 -2.62
C GLU A 175 20.84 1.42 -3.32
N PRO A 176 19.58 1.06 -3.54
CA PRO A 176 19.27 0.05 -4.55
C PRO A 176 19.34 0.68 -5.94
N LYS A 177 19.63 -0.15 -6.93
CA LYS A 177 19.83 0.35 -8.29
C LYS A 177 18.57 1.04 -8.81
N SER A 178 18.78 2.13 -9.56
CA SER A 178 17.66 2.90 -10.07
C SER A 178 16.85 2.11 -11.08
N ASP A 179 17.53 1.37 -11.97
CA ASP A 179 16.87 0.51 -12.92
C ASP A 179 16.64 -0.90 -12.39
N SER A 180 16.76 -1.09 -11.08
CA SER A 180 16.50 -2.38 -10.46
C SER A 180 15.12 -2.89 -10.86
N PRO A 181 15.01 -4.14 -11.31
CA PRO A 181 13.68 -4.71 -11.57
C PRO A 181 12.75 -4.62 -10.38
N ILE A 182 13.27 -4.81 -9.16
CA ILE A 182 12.45 -4.67 -7.96
C ILE A 182 11.84 -3.28 -7.90
N ILE A 183 12.69 -2.25 -7.95
CA ILE A 183 12.21 -0.87 -7.87
C ILE A 183 11.26 -0.55 -9.01
N THR A 184 11.56 -1.05 -10.21
CA THR A 184 10.73 -0.75 -11.36
C THR A 184 9.37 -1.44 -11.26
N ALA A 185 9.35 -2.67 -10.75
CA ALA A 185 8.08 -3.31 -10.45
C ALA A 185 7.30 -2.50 -9.41
N ASN A 187 7.26 0.63 -8.92
CA ASN A 187 6.67 1.81 -9.52
C ASN A 187 5.25 1.56 -10.01
N ASN A 188 4.87 0.29 -10.21
CA ASN A 188 3.48 -0.02 -10.56
C ASN A 188 2.50 0.41 -9.47
N ILE A 189 2.95 0.56 -8.22
CA ILE A 189 2.08 1.05 -7.16
C ILE A 189 1.43 2.39 -7.55
N THR A 190 2.16 3.24 -8.28
CA THR A 190 1.66 4.57 -8.64
C THR A 190 0.72 4.57 -9.84
N GLN A 191 0.41 3.43 -10.44
CA GLN A 191 -0.34 3.41 -11.69
C GLN A 191 -1.81 3.05 -11.46
N ASP A 192 -2.67 3.53 -12.38
CA ASP A 192 -4.11 3.42 -12.18
C ASP A 192 -4.61 1.99 -12.29
N PHE A 193 -3.90 1.11 -13.01
CA PHE A 193 -4.32 -0.28 -13.06
C PHE A 193 -4.06 -1.01 -11.74
N PHE A 194 -3.39 -0.38 -10.78
CA PHE A 194 -3.04 -1.02 -9.52
C PHE A 194 -4.02 -0.54 -8.46
N TRP A 195 -4.84 -1.47 -7.95
CA TRP A 195 -5.89 -1.10 -7.01
C TRP A 195 -5.40 -0.97 -5.58
N GLY A 196 -4.39 -1.73 -5.19
CA GLY A 196 -3.92 -1.73 -3.83
C GLY A 196 -4.69 -2.70 -2.94
N THR A 197 -4.07 -3.01 -1.80
CA THR A 197 -4.67 -3.89 -0.81
C THR A 197 -4.51 -3.26 0.57
N HIS A 198 -5.00 -4.00 1.57
CA HIS A 198 -4.74 -3.66 2.98
C HIS A 198 -3.25 -3.44 3.25
N LEU A 199 -2.38 -4.17 2.55
CA LEU A 199 -0.93 -4.00 2.76
C LEU A 199 -0.50 -2.57 2.44
N ASP A 200 -0.93 -2.03 1.30
CA ASP A 200 -0.61 -0.65 0.95
C ASP A 200 -1.21 0.34 1.95
N LEU A 201 -2.41 0.04 2.44
CA LEU A 201 -3.05 0.98 3.38
C LEU A 201 -2.36 0.98 4.75
N ASN A 202 -1.72 -0.12 5.16
CA ASN A 202 -1.04 -0.13 6.45
C ASN A 202 0.09 0.89 6.49
N TYR A 203 0.86 1.01 5.40
CA TYR A 203 1.89 2.04 5.36
C TYR A 203 1.27 3.43 5.45
N LEU A 204 0.12 3.63 4.78
CA LEU A 204 -0.56 4.92 4.82
C LEU A 204 -1.10 5.22 6.21
N ALA A 205 -1.65 4.20 6.88
CA ALA A 205 -2.17 4.43 8.25
C ALA A 205 -1.06 4.92 9.16
N GLU A 206 0.14 4.35 9.02
CA GLU A 206 1.26 4.79 9.83
C GLU A 206 1.75 6.17 9.40
N ALA A 207 1.84 6.42 8.09
CA ALA A 207 2.29 7.74 7.61
C ALA A 207 1.33 8.84 8.05
N PHE A 208 0.03 8.60 7.93
CA PHE A 208 -0.96 9.61 8.32
C PHE A 208 -1.36 9.55 9.79
N GLU A 209 -0.84 8.56 10.54
CA GLU A 209 -1.09 8.40 11.97
C GLU A 209 -2.60 8.32 12.27
N VAL A 210 -3.23 7.31 11.65
CA VAL A 210 -4.62 6.96 11.92
C VAL A 210 -4.66 5.53 12.43
N ASN A 211 -5.68 5.22 13.22
CA ASN A 211 -6.06 3.83 13.40
C ASN A 211 -6.83 3.40 12.14
N LEU A 212 -6.46 2.27 11.57
CA LEU A 212 -7.13 1.82 10.36
C LEU A 212 -7.92 0.56 10.69
N HIS A 213 -9.26 0.63 10.57
CA HIS A 213 -10.16 -0.52 10.79
C HIS A 213 -10.68 -0.95 9.43
N VAL A 214 -10.29 -2.15 8.98
CA VAL A 214 -10.84 -2.71 7.76
C VAL A 214 -11.74 -3.87 8.19
N LEU A 215 -13.06 -3.68 8.03
CA LEU A 215 -14.04 -4.69 8.41
C LEU A 215 -14.28 -5.63 7.24
N ARG A 216 -14.32 -6.94 7.51
CA ARG A 216 -14.39 -7.95 6.46
C ARG A 216 -15.64 -8.82 6.46
N ASN A 217 -16.48 -8.77 7.50
CA ASN A 217 -17.68 -9.62 7.62
C ASN A 217 -17.39 -11.08 7.28
N ASN A 218 -16.36 -11.65 7.86
CA ASN A 218 -16.27 -13.10 7.87
C ASN A 218 -16.18 -13.69 9.26
N SER A 219 -16.08 -12.85 10.29
CA SER A 219 -16.17 -13.29 11.67
C SER A 219 -17.26 -12.48 12.38
N PRO A 220 -18.03 -13.11 13.27
CA PRO A 220 -19.02 -12.34 14.04
C PRO A 220 -18.40 -11.31 14.96
N ILE A 221 -17.10 -11.39 15.23
CA ILE A 221 -16.43 -10.41 16.06
C ILE A 221 -15.18 -9.96 15.33
N GLN A 222 -15.03 -8.64 15.19
CA GLN A 222 -13.94 -8.03 14.42
C GLN A 222 -13.16 -7.15 15.37
N GLU A 223 -11.91 -7.53 15.67
CA GLU A 223 -11.16 -6.93 16.77
C GLU A 223 -10.06 -5.99 16.26
N PHE A 224 -9.97 -4.82 16.87
CA PHE A 224 -8.93 -3.85 16.50
C PHE A 224 -8.35 -3.25 17.77
N VAL A 225 -7.09 -2.84 17.68
CA VAL A 225 -6.41 -2.21 18.81
C VAL A 225 -6.02 -0.80 18.39
N ASP A 226 -6.46 0.18 19.17
CA ASP A 226 -6.43 1.58 18.76
C ASP A 226 -5.50 2.39 19.64
N ILE A 227 -4.88 3.41 19.03
CA ILE A 227 -4.18 4.45 19.77
C ILE A 227 -5.16 5.60 19.93
N PRO A 228 -5.60 5.91 21.15
CA PRO A 228 -6.70 6.89 21.31
C PRO A 228 -6.35 8.29 20.80
N GLU A 229 -5.06 8.64 20.75
CA GLU A 229 -4.65 9.95 20.24
C GLU A 229 -4.87 10.10 18.74
N ARG A 230 -5.03 8.99 18.01
CA ARG A 230 -5.13 9.02 16.55
C ARG A 230 -6.59 9.02 16.12
N HIS A 231 -6.90 9.78 15.06
CA HIS A 231 -8.17 9.60 14.39
C HIS A 231 -8.26 8.15 13.93
N THR A 232 -9.49 7.69 13.74
CA THR A 232 -9.71 6.34 13.24
C THR A 232 -10.35 6.42 11.86
N LEU A 233 -9.83 5.64 10.93
CA LEU A 233 -10.37 5.52 9.59
C LEU A 233 -10.98 4.12 9.45
N THR A 234 -12.28 4.06 9.15
CA THR A 234 -13.03 2.81 9.15
C THR A 234 -13.47 2.48 7.72
N LEU A 235 -12.99 1.36 7.20
CA LEU A 235 -13.29 0.87 5.86
C LEU A 235 -13.91 -0.52 5.95
N THR A 236 -14.54 -0.96 4.86
CA THR A 236 -14.89 -2.37 4.69
C THR A 236 -14.27 -2.89 3.39
N ASN A 237 -13.91 -4.18 3.36
CA ASN A 237 -13.26 -4.76 2.19
C ASN A 237 -13.93 -6.09 1.85
N SER A 238 -14.40 -6.20 0.59
CA SER A 238 -14.90 -7.46 0.03
C SER A 238 -14.01 -7.86 -1.15
N ASN A 239 -13.19 -8.89 -0.97
CA ASN A 239 -12.39 -9.51 -2.03
C ASN A 239 -11.40 -8.55 -2.68
N ASN A 240 -10.99 -7.48 -1.99
CA ASN A 240 -10.04 -6.47 -2.47
C ASN A 240 -10.56 -5.65 -3.64
N THR A 241 -11.74 -5.96 -4.17
CA THR A 241 -12.31 -5.25 -5.30
C THR A 241 -13.46 -4.33 -4.94
N HIS A 242 -14.06 -4.50 -3.76
CA HIS A 242 -15.21 -3.70 -3.34
C HIS A 242 -14.98 -3.17 -1.94
N TRP A 243 -14.35 -2.00 -1.85
CA TRP A 243 -14.14 -1.28 -0.61
C TRP A 243 -15.27 -0.27 -0.38
N THR A 244 -15.56 0.01 0.89
CA THR A 244 -16.45 1.10 1.25
C THR A 244 -15.78 1.90 2.35
N THR A 245 -16.20 3.15 2.50
CA THR A 245 -15.66 4.03 3.53
C THR A 245 -16.79 4.44 4.45
N GLN A 246 -16.59 4.29 5.75
CA GLN A 246 -17.47 4.93 6.70
C GLN A 246 -17.06 6.38 6.90
N ILE A 247 -18.03 7.28 6.84
CA ILE A 247 -17.74 8.68 7.11
C ILE A 247 -18.73 9.15 8.17
N THR A 248 -18.27 10.07 9.01
CA THR A 248 -19.10 10.53 10.11
C THR A 248 -19.00 12.04 10.21
N THR A 249 -20.07 12.63 10.72
CA THR A 249 -20.09 14.04 11.06
C THR A 249 -20.65 14.21 12.47
N ALA A 250 -20.05 15.11 13.23
CA ALA A 250 -20.49 15.35 14.60
C ALA A 250 -21.64 16.34 14.60
N ARG A 251 -22.66 16.05 15.42
CA ARG A 251 -23.71 17.05 15.65
C ARG A 251 -23.73 17.45 17.13
#